data_9RQ7
#
_entry.id   9RQ7
#
_cell.length_a   68.005
_cell.length_b   90.031
_cell.length_c   44.973
_cell.angle_alpha   90.000
_cell.angle_beta   90.000
_cell.angle_gamma   90.000
#
_symmetry.space_group_name_H-M   'P 21 21 2'
#
loop_
_entity.id
_entity.type
_entity.pdbx_description
1 polymer 'FosA family fosfomycin resistance glutathione transferase'
2 non-polymer 'ethyl 5-(trifluoromethyl)-1H-pyrazole-4-carboxylate'
3 non-polymer 1,2-ETHANEDIOL
4 non-polymer 'MANGANESE (II) ION'
5 non-polymer 'DIMETHYL SULFOXIDE'
6 water water
#
_entity_poly.entity_id   1
_entity_poly.type   'polypeptide(L)'
_entity_poly.pdbx_seq_one_letter_code
;MLSGLNHLTLAVSQLAPSVAFYQQLLGMTLHARWDSGAYLSCGDLWLCLSLDPQRRVTPPEESDYTHYAFSISEADFASF
AARLEAAGVAVWKLNRSEGASHYFLDPDGHKLELHVGSLAQRLAACREQPYKGMVFFEQHHHHHH
;
_entity_poly.pdbx_strand_id   A,B
#
# COMPACT_ATOMS: atom_id res chain seq x y z
N MET A 1 15.79 11.71 -3.69
CA MET A 1 15.34 10.66 -2.75
C MET A 1 13.92 10.18 -3.06
N LEU A 2 13.42 9.28 -2.23
CA LEU A 2 12.04 8.83 -2.39
C LEU A 2 11.10 9.87 -1.78
N SER A 3 9.96 10.07 -2.41
N SER A 3 9.98 10.09 -2.44
CA SER A 3 9.10 11.18 -2.01
CA SER A 3 9.00 11.02 -1.90
C SER A 3 7.68 10.81 -1.59
C SER A 3 7.59 10.52 -2.20
N GLY A 4 7.32 9.54 -1.59
N GLY A 4 7.03 9.82 -1.24
CA GLY A 4 5.99 9.13 -1.18
CA GLY A 4 5.65 9.40 -1.31
C GLY A 4 5.57 7.90 -1.96
C GLY A 4 5.48 8.08 -2.04
N LEU A 5 4.29 7.54 -1.84
CA LEU A 5 3.79 6.41 -2.59
C LEU A 5 3.35 6.89 -3.97
N ASN A 6 3.96 6.33 -5.00
CA ASN A 6 3.56 6.64 -6.36
C ASN A 6 2.26 5.96 -6.70
N HIS A 7 2.13 4.68 -6.37
CA HIS A 7 0.88 3.96 -6.55
C HIS A 7 0.85 2.71 -5.69
N LEU A 8 -0.38 2.26 -5.41
CA LEU A 8 -0.68 0.99 -4.77
C LEU A 8 -1.31 0.09 -5.81
N THR A 9 -0.75 -1.10 -6.02
CA THR A 9 -1.31 -2.09 -6.93
C THR A 9 -1.77 -3.29 -6.15
N LEU A 10 -3.06 -3.63 -6.29
CA LEU A 10 -3.63 -4.80 -5.66
C LEU A 10 -3.92 -5.84 -6.74
N ALA A 11 -3.40 -7.04 -6.53
CA ALA A 11 -3.77 -8.16 -7.39
C ALA A 11 -5.18 -8.60 -7.05
N VAL A 12 -6.01 -8.83 -8.06
CA VAL A 12 -7.39 -9.24 -7.86
C VAL A 12 -7.69 -10.48 -8.68
N SER A 13 -8.59 -11.32 -8.16
CA SER A 13 -8.95 -12.56 -8.85
C SER A 13 -10.07 -12.38 -9.87
N GLN A 14 -10.96 -11.41 -9.63
CA GLN A 14 -12.09 -11.14 -10.52
C GLN A 14 -12.20 -9.62 -10.64
N LEU A 15 -11.97 -9.10 -11.84
CA LEU A 15 -11.82 -7.66 -11.99
C LEU A 15 -13.12 -6.94 -11.68
N ALA A 16 -14.25 -7.41 -12.22
CA ALA A 16 -15.50 -6.65 -12.11
C ALA A 16 -15.95 -6.46 -10.66
N PRO A 17 -15.99 -7.50 -9.82
CA PRO A 17 -16.39 -7.28 -8.43
C PRO A 17 -15.42 -6.39 -7.69
N SER A 18 -14.14 -6.44 -8.03
N SER A 18 -14.14 -6.44 -8.04
CA SER A 18 -13.18 -5.57 -7.35
CA SER A 18 -13.16 -5.57 -7.38
C SER A 18 -13.37 -4.11 -7.76
C SER A 18 -13.39 -4.12 -7.76
N VAL A 19 -13.56 -3.85 -9.06
CA VAL A 19 -13.85 -2.48 -9.49
C VAL A 19 -15.10 -1.98 -8.79
N ALA A 20 -16.14 -2.81 -8.74
CA ALA A 20 -17.37 -2.39 -8.08
C ALA A 20 -17.14 -2.08 -6.61
N PHE A 21 -16.33 -2.89 -5.92
CA PHE A 21 -16.07 -2.64 -4.51
C PHE A 21 -15.41 -1.29 -4.30
N TYR A 22 -14.33 -1.02 -5.04
CA TYR A 22 -13.57 0.22 -4.82
C TYR A 22 -14.32 1.44 -5.34
N GLN A 23 -15.02 1.33 -6.47
CA GLN A 23 -15.72 2.48 -7.04
C GLN A 23 -17.10 2.65 -6.41
N GLN A 24 -17.95 1.62 -6.47
CA GLN A 24 -19.32 1.81 -6.01
C GLN A 24 -19.40 1.84 -4.50
N LEU A 25 -18.77 0.88 -3.82
CA LEU A 25 -18.94 0.79 -2.38
C LEU A 25 -18.07 1.79 -1.63
N LEU A 26 -16.80 1.89 -2.01
CA LEU A 26 -15.89 2.80 -1.30
C LEU A 26 -15.86 4.20 -1.88
N GLY A 27 -16.44 4.44 -3.08
CA GLY A 27 -16.56 5.79 -3.59
C GLY A 27 -15.34 6.32 -4.29
N MET A 28 -14.37 5.48 -4.62
CA MET A 28 -13.20 5.95 -5.33
C MET A 28 -13.57 6.29 -6.78
N THR A 29 -12.71 7.07 -7.41
CA THR A 29 -12.95 7.53 -8.77
C THR A 29 -12.32 6.56 -9.78
N LEU A 30 -13.15 6.03 -10.66
CA LEU A 30 -12.69 5.14 -11.73
C LEU A 30 -12.26 5.98 -12.95
N HIS A 31 -11.00 5.84 -13.37
CA HIS A 31 -10.50 6.57 -14.52
C HIS A 31 -10.43 5.74 -15.79
N ALA A 32 -10.12 4.45 -15.67
CA ALA A 32 -10.00 3.60 -16.85
C ALA A 32 -10.08 2.15 -16.40
N ARG A 33 -10.50 1.30 -17.34
N ARG A 33 -10.60 1.32 -17.30
CA ARG A 33 -10.66 -0.12 -17.10
CA ARG A 33 -10.55 -0.12 -17.09
C ARG A 33 -10.36 -0.84 -18.42
C ARG A 33 -10.19 -0.76 -18.42
N TRP A 34 -9.65 -1.97 -18.33
CA TRP A 34 -9.28 -2.74 -19.51
C TRP A 34 -9.46 -4.21 -19.17
N ASP A 35 -9.12 -5.09 -20.10
CA ASP A 35 -9.44 -6.49 -19.90
C ASP A 35 -8.74 -7.07 -18.69
N SER A 36 -7.61 -6.48 -18.27
N SER A 36 -7.59 -6.50 -18.28
CA SER A 36 -6.77 -7.04 -17.22
CA SER A 36 -6.85 -7.08 -17.17
C SER A 36 -6.54 -6.10 -16.05
C SER A 36 -6.49 -6.06 -16.09
N GLY A 37 -7.23 -4.96 -15.97
CA GLY A 37 -7.00 -4.09 -14.84
C GLY A 37 -7.87 -2.85 -14.84
N ALA A 38 -7.62 -2.02 -13.84
CA ALA A 38 -8.32 -0.75 -13.72
C ALA A 38 -7.43 0.24 -12.98
N TYR A 39 -7.61 1.52 -13.29
CA TYR A 39 -6.98 2.63 -12.57
C TYR A 39 -8.04 3.46 -11.88
N LEU A 40 -7.87 3.66 -10.58
CA LEU A 40 -8.75 4.49 -9.78
C LEU A 40 -7.91 5.51 -8.99
N SER A 41 -8.57 6.53 -8.49
CA SER A 41 -7.94 7.43 -7.54
C SER A 41 -8.80 7.61 -6.31
N CYS A 42 -8.13 7.89 -5.21
CA CYS A 42 -8.75 8.18 -3.93
C CYS A 42 -7.97 9.38 -3.38
N GLY A 43 -8.52 10.57 -3.54
CA GLY A 43 -7.72 11.76 -3.31
C GLY A 43 -6.49 11.70 -4.20
N ASP A 44 -5.32 11.86 -3.59
N ASP A 44 -5.33 11.84 -3.58
CA ASP A 44 -4.06 11.81 -4.33
CA ASP A 44 -4.05 11.81 -4.29
C ASP A 44 -3.58 10.38 -4.61
C ASP A 44 -3.49 10.40 -4.44
N LEU A 45 -4.21 9.37 -4.03
CA LEU A 45 -3.75 7.99 -4.19
C LEU A 45 -4.11 7.47 -5.58
N TRP A 46 -3.11 6.95 -6.28
CA TRP A 46 -3.28 6.16 -7.49
C TRP A 46 -3.35 4.69 -7.10
N LEU A 47 -4.52 4.10 -7.32
CA LEU A 47 -4.82 2.69 -7.07
C LEU A 47 -4.92 1.95 -8.40
N CYS A 48 -4.18 0.87 -8.52
N CYS A 48 -4.15 0.89 -8.56
CA CYS A 48 -4.24 -0.03 -9.66
CA CYS A 48 -4.30 0.00 -9.71
C CYS A 48 -4.83 -1.35 -9.17
C CYS A 48 -4.79 -1.35 -9.24
N LEU A 49 -5.86 -1.84 -9.86
CA LEU A 49 -6.34 -3.20 -9.67
C LEU A 49 -5.84 -4.01 -10.85
N SER A 50 -5.10 -5.08 -10.58
CA SER A 50 -4.46 -5.87 -11.62
C SER A 50 -4.98 -7.30 -11.58
N LEU A 51 -5.65 -7.72 -12.65
CA LEU A 51 -6.17 -9.08 -12.71
C LEU A 51 -5.00 -10.05 -12.70
N ASP A 52 -4.98 -10.94 -11.71
CA ASP A 52 -3.85 -11.84 -11.52
C ASP A 52 -4.39 -13.24 -11.28
N PRO A 53 -4.16 -14.20 -12.20
CA PRO A 53 -4.59 -15.57 -11.93
C PRO A 53 -3.97 -16.18 -10.68
N GLN A 54 -2.88 -15.61 -10.16
N GLN A 54 -2.90 -15.61 -10.16
CA GLN A 54 -2.29 -16.12 -8.93
CA GLN A 54 -2.28 -16.13 -8.95
C GLN A 54 -2.99 -15.62 -7.68
C GLN A 54 -2.87 -15.52 -7.67
N ARG A 55 -3.79 -14.57 -7.75
CA ARG A 55 -4.46 -14.06 -6.56
C ARG A 55 -5.46 -15.07 -6.00
N ARG A 56 -5.35 -15.35 -4.72
CA ARG A 56 -6.30 -16.20 -4.04
C ARG A 56 -7.15 -15.40 -3.07
N VAL A 57 -8.41 -15.81 -2.95
CA VAL A 57 -9.30 -15.23 -1.95
C VAL A 57 -8.83 -15.76 -0.61
N THR A 58 -8.33 -14.88 0.24
CA THR A 58 -7.56 -15.31 1.39
C THR A 58 -8.25 -14.94 2.69
N PRO A 59 -8.61 -15.92 3.53
CA PRO A 59 -9.21 -15.58 4.81
C PRO A 59 -8.22 -14.83 5.67
N PRO A 60 -8.71 -13.97 6.57
CA PRO A 60 -7.81 -13.08 7.30
C PRO A 60 -6.91 -13.81 8.29
N GLU A 61 -7.31 -14.99 8.75
CA GLU A 61 -6.45 -15.76 9.64
C GLU A 61 -5.27 -16.40 8.90
N GLU A 62 -5.29 -16.40 7.58
N GLU A 62 -5.31 -16.43 7.56
CA GLU A 62 -4.22 -17.01 6.79
CA GLU A 62 -4.26 -17.00 6.72
C GLU A 62 -3.40 -15.95 6.03
C GLU A 62 -3.26 -15.95 6.23
N SER A 63 -3.56 -14.67 6.36
CA SER A 63 -2.65 -13.63 5.92
C SER A 63 -2.05 -12.89 7.11
N ASP A 64 -0.88 -12.28 6.89
CA ASP A 64 -0.23 -11.49 7.91
C ASP A 64 -0.92 -10.13 8.05
N TYR A 65 -0.35 -9.28 8.90
CA TYR A 65 -0.94 -8.00 9.29
C TYR A 65 -0.78 -6.90 8.24
N THR A 66 -0.13 -7.15 7.10
CA THR A 66 0.00 -6.13 6.06
C THR A 66 -1.38 -5.58 5.71
N HIS A 67 -1.53 -4.26 5.67
CA HIS A 67 -2.85 -3.68 5.43
C HIS A 67 -2.74 -2.26 4.91
N TYR A 68 -3.87 -1.77 4.37
CA TYR A 68 -3.94 -0.50 3.65
C TYR A 68 -5.06 0.32 4.28
N ALA A 69 -4.71 1.47 4.84
CA ALA A 69 -5.67 2.32 5.53
C ALA A 69 -5.98 3.55 4.68
N PHE A 70 -7.28 3.91 4.61
CA PHE A 70 -7.76 5.08 3.90
C PHE A 70 -8.24 6.13 4.89
N SER A 71 -7.95 7.38 4.57
CA SER A 71 -8.32 8.50 5.42
C SER A 71 -9.80 8.85 5.28
N ILE A 72 -10.42 9.15 6.40
CA ILE A 72 -11.81 9.60 6.46
C ILE A 72 -11.94 10.57 7.61
N SER A 73 -12.85 11.53 7.47
CA SER A 73 -12.99 12.54 8.50
C SER A 73 -13.71 11.98 9.72
N GLU A 74 -13.52 12.67 10.84
CA GLU A 74 -14.22 12.31 12.07
C GLU A 74 -15.74 12.37 11.87
N ALA A 75 -16.22 13.32 11.06
CA ALA A 75 -17.66 13.46 10.84
C ALA A 75 -18.24 12.31 10.03
N ASP A 76 -17.46 11.71 9.11
CA ASP A 76 -17.96 10.69 8.21
C ASP A 76 -17.68 9.26 8.68
N PHE A 77 -16.76 9.09 9.63
CA PHE A 77 -16.23 7.77 9.96
C PHE A 77 -17.31 6.77 10.33
N ALA A 78 -18.14 7.11 11.33
CA ALA A 78 -19.05 6.11 11.88
C ALA A 78 -20.10 5.70 10.88
N SER A 79 -20.65 6.65 10.12
N SER A 79 -20.66 6.66 10.14
CA SER A 79 -21.71 6.26 9.20
CA SER A 79 -21.68 6.35 9.15
C SER A 79 -21.16 5.44 8.03
C SER A 79 -21.13 5.42 8.08
N PHE A 80 -19.92 5.70 7.61
CA PHE A 80 -19.30 4.91 6.54
C PHE A 80 -19.02 3.49 7.04
N ALA A 81 -18.46 3.37 8.24
CA ALA A 81 -18.26 2.04 8.83
C ALA A 81 -19.58 1.28 8.96
N ALA A 82 -20.64 1.96 9.42
CA ALA A 82 -21.91 1.28 9.62
C ALA A 82 -22.51 0.86 8.29
N ARG A 83 -22.31 1.66 7.24
CA ARG A 83 -22.79 1.28 5.92
C ARG A 83 -22.06 0.04 5.40
N LEU A 84 -20.74 -0.04 5.60
CA LEU A 84 -20.03 -1.25 5.20
C LEU A 84 -20.55 -2.45 5.96
N GLU A 85 -20.78 -2.31 7.28
CA GLU A 85 -21.32 -3.41 8.07
C GLU A 85 -22.66 -3.85 7.54
N ALA A 86 -23.55 -2.90 7.28
CA ALA A 86 -24.89 -3.25 6.84
C ALA A 86 -24.87 -3.89 5.46
N ALA A 87 -23.85 -3.57 4.65
CA ALA A 87 -23.69 -4.19 3.34
C ALA A 87 -23.06 -5.57 3.41
N GLY A 88 -22.71 -6.06 4.59
CA GLY A 88 -22.17 -7.39 4.73
C GLY A 88 -20.69 -7.52 4.48
N VAL A 89 -19.95 -6.40 4.50
CA VAL A 89 -18.51 -6.46 4.27
C VAL A 89 -17.84 -7.12 5.47
N ALA A 90 -17.00 -8.13 5.18
CA ALA A 90 -16.36 -8.91 6.23
C ALA A 90 -15.29 -8.09 6.94
N VAL A 91 -15.00 -8.50 8.16
N VAL A 91 -15.01 -8.47 8.19
CA VAL A 91 -14.08 -7.76 8.98
CA VAL A 91 -14.17 -7.68 9.09
C VAL A 91 -12.88 -8.64 9.28
C VAL A 91 -13.10 -8.58 9.70
N TRP A 92 -11.92 -8.02 9.93
CA TRP A 92 -10.75 -8.78 10.29
C TRP A 92 -10.18 -8.35 11.61
N LYS A 93 -10.63 -7.23 12.16
CA LYS A 93 -10.09 -6.82 13.46
C LYS A 93 -11.07 -5.91 14.17
N LEU A 94 -11.14 -6.04 15.49
CA LEU A 94 -12.08 -5.25 16.28
C LEU A 94 -11.41 -4.31 17.27
N ASN A 95 -10.28 -4.72 17.85
CA ASN A 95 -9.61 -3.94 18.89
C ASN A 95 -8.93 -2.73 18.27
N ARG A 96 -9.25 -1.53 18.77
CA ARG A 96 -8.68 -0.29 18.24
C ARG A 96 -7.35 -0.02 18.94
N SER A 97 -6.30 -0.62 18.40
CA SER A 97 -4.95 -0.51 18.94
C SER A 97 -4.18 0.65 18.36
N GLU A 98 -4.76 1.36 17.39
CA GLU A 98 -4.05 2.49 16.75
C GLU A 98 -5.02 3.64 16.47
N GLY A 99 -5.96 3.88 17.39
CA GLY A 99 -6.89 4.98 17.27
C GLY A 99 -8.22 4.57 16.65
N ALA A 100 -8.90 5.57 16.07
CA ALA A 100 -10.24 5.38 15.52
C ALA A 100 -10.13 4.73 14.15
N SER A 101 -10.41 3.43 14.09
CA SER A 101 -10.23 2.65 12.89
C SER A 101 -11.35 1.61 12.77
N HIS A 102 -11.68 1.31 11.53
CA HIS A 102 -12.59 0.22 11.17
C HIS A 102 -11.84 -0.70 10.20
N TYR A 103 -11.75 -1.99 10.52
CA TYR A 103 -10.96 -2.95 9.77
C TYR A 103 -11.87 -3.86 8.95
N PHE A 104 -11.68 -3.87 7.64
CA PHE A 104 -12.57 -4.61 6.75
C PHE A 104 -11.78 -5.22 5.61
N LEU A 105 -12.41 -6.18 4.93
CA LEU A 105 -11.78 -6.96 3.87
C LEU A 105 -12.37 -6.63 2.50
N ASP A 106 -11.52 -6.63 1.48
CA ASP A 106 -11.98 -6.55 0.09
C ASP A 106 -12.36 -7.94 -0.39
N PRO A 107 -12.89 -8.05 -1.61
CA PRO A 107 -13.40 -9.35 -2.08
C PRO A 107 -12.37 -10.46 -2.10
N ASP A 108 -11.09 -10.12 -2.23
CA ASP A 108 -10.02 -11.12 -2.23
C ASP A 108 -9.36 -11.28 -0.88
N GLY A 109 -9.87 -10.60 0.14
CA GLY A 109 -9.25 -10.66 1.45
C GLY A 109 -8.13 -9.68 1.67
N HIS A 110 -7.90 -8.73 0.75
CA HIS A 110 -6.95 -7.66 1.08
C HIS A 110 -7.44 -6.97 2.35
N LYS A 111 -6.53 -6.73 3.28
CA LYS A 111 -6.86 -6.12 4.56
C LYS A 111 -6.87 -4.60 4.43
N LEU A 112 -8.04 -4.02 4.63
CA LEU A 112 -8.27 -2.58 4.52
C LEU A 112 -8.68 -2.00 5.87
N GLU A 113 -8.63 -0.68 5.94
CA GLU A 113 -8.92 0.04 7.17
C GLU A 113 -9.44 1.43 6.80
N LEU A 114 -10.45 1.90 7.54
CA LEU A 114 -10.78 3.31 7.62
C LEU A 114 -10.10 3.87 8.86
N HIS A 115 -9.39 4.99 8.73
CA HIS A 115 -8.74 5.58 9.89
C HIS A 115 -8.93 7.09 9.92
N VAL A 116 -9.22 7.61 11.12
CA VAL A 116 -9.30 9.04 11.38
C VAL A 116 -8.00 9.49 12.04
N GLY A 117 -7.26 10.37 11.36
CA GLY A 117 -6.10 10.98 11.98
C GLY A 117 -4.82 10.80 11.22
N SER A 118 -3.90 11.75 11.40
CA SER A 118 -2.60 11.77 10.75
C SER A 118 -1.55 11.06 11.59
N LEU A 119 -0.36 10.92 11.01
CA LEU A 119 0.79 10.40 11.76
C LEU A 119 1.12 11.30 12.93
N ALA A 120 1.12 12.62 12.72
CA ALA A 120 1.38 13.54 13.83
C ALA A 120 0.41 13.32 14.97
N GLN A 121 -0.88 13.15 14.65
CA GLN A 121 -1.89 12.93 15.69
C GLN A 121 -1.66 11.59 16.38
N ARG A 122 -1.23 10.58 15.65
N ARG A 122 -1.30 10.57 15.61
CA ARG A 122 -1.00 9.28 16.26
CA ARG A 122 -0.96 9.28 16.18
C ARG A 122 0.24 9.31 17.15
C ARG A 122 0.17 9.42 17.19
N LEU A 123 1.25 10.08 16.77
CA LEU A 123 2.41 10.19 17.64
C LEU A 123 2.05 10.92 18.93
N ALA A 124 1.24 11.97 18.82
CA ALA A 124 0.82 12.69 20.01
C ALA A 124 -0.01 11.80 20.93
N ALA A 125 -0.93 11.01 20.35
CA ALA A 125 -1.70 10.10 21.19
C ALA A 125 -0.81 9.05 21.84
N CYS A 126 0.21 8.59 21.10
CA CYS A 126 1.12 7.57 21.64
C CYS A 126 1.99 8.09 22.77
N ARG A 127 2.30 9.39 22.77
CA ARG A 127 3.04 9.92 23.90
C ARG A 127 2.28 9.72 25.21
N GLU A 128 0.94 9.79 25.18
CA GLU A 128 0.13 9.63 26.37
C GLU A 128 -0.16 8.15 26.66
N GLN A 129 -0.33 7.37 25.62
CA GLN A 129 -0.67 5.95 25.71
C GLN A 129 0.27 5.23 24.77
N PRO A 130 1.54 5.13 25.14
CA PRO A 130 2.54 4.59 24.23
C PRO A 130 2.44 3.08 24.11
N TYR A 131 2.91 2.57 22.98
N TYR A 131 2.93 2.58 22.98
CA TYR A 131 3.11 1.15 22.82
CA TYR A 131 3.18 1.17 22.86
C TYR A 131 4.33 0.73 23.66
C TYR A 131 4.27 0.76 23.83
N LYS A 132 4.35 -0.54 24.10
CA LYS A 132 5.40 -1.03 24.96
C LYS A 132 6.80 -0.82 24.36
N GLY A 133 7.68 -0.19 25.14
CA GLY A 133 9.03 0.08 24.68
C GLY A 133 9.18 1.23 23.71
N MET A 134 8.15 2.08 23.58
CA MET A 134 8.18 3.10 22.54
C MET A 134 9.22 4.19 22.79
N VAL A 135 9.96 4.52 21.73
N VAL A 135 9.96 4.53 21.74
CA VAL A 135 10.90 5.62 21.68
CA VAL A 135 10.88 5.65 21.73
C VAL A 135 10.50 6.54 20.53
C VAL A 135 10.51 6.54 20.54
N PHE A 136 10.60 7.84 20.76
CA PHE A 136 10.27 8.86 19.77
C PHE A 136 11.56 9.54 19.32
N PHE A 137 11.68 9.79 18.03
CA PHE A 137 12.87 10.42 17.48
C PHE A 137 12.56 11.83 17.02
N MET B 1 -16.71 10.00 3.01
CA MET B 1 -15.90 10.03 1.75
C MET B 1 -14.43 9.81 2.07
N LEU B 2 -13.76 8.98 1.29
CA LEU B 2 -12.35 8.69 1.55
C LEU B 2 -11.49 9.73 0.86
N SER B 3 -10.47 10.21 1.55
CA SER B 3 -9.70 11.34 1.04
C SER B 3 -8.28 11.00 0.63
N GLY B 4 -7.85 9.76 0.76
CA GLY B 4 -6.51 9.37 0.36
C GLY B 4 -6.06 8.14 1.13
N LEU B 5 -4.80 7.77 0.91
CA LEU B 5 -4.18 6.70 1.68
C LEU B 5 -3.75 7.29 3.02
N ASN B 6 -4.24 6.72 4.10
CA ASN B 6 -3.85 7.18 5.43
C ASN B 6 -2.50 6.59 5.84
N HIS B 7 -2.34 5.27 5.73
CA HIS B 7 -1.05 4.65 6.00
C HIS B 7 -0.97 3.30 5.31
N LEU B 8 0.26 2.87 5.07
CA LEU B 8 0.61 1.55 4.58
C LEU B 8 1.30 0.81 5.71
N THR B 9 0.80 -0.37 6.07
CA THR B 9 1.43 -1.20 7.08
C THR B 9 1.95 -2.48 6.46
N LEU B 10 3.24 -2.73 6.68
CA LEU B 10 3.89 -3.94 6.22
C LEU B 10 4.19 -4.83 7.41
N ALA B 11 3.73 -6.07 7.37
CA ALA B 11 4.15 -7.05 8.36
C ALA B 11 5.58 -7.46 8.08
N VAL B 12 6.39 -7.55 9.12
CA VAL B 12 7.81 -7.89 8.99
C VAL B 12 8.14 -9.01 9.95
N SER B 13 9.09 -9.86 9.55
CA SER B 13 9.48 -10.98 10.38
C SER B 13 10.55 -10.61 11.41
N GLN B 14 11.39 -9.62 11.10
CA GLN B 14 12.46 -9.19 11.99
C GLN B 14 12.53 -7.67 11.91
N LEU B 15 12.32 -7.00 13.04
CA LEU B 15 12.16 -5.55 12.97
C LEU B 15 13.45 -4.82 12.62
N ALA B 16 14.57 -5.24 13.21
CA ALA B 16 15.82 -4.50 12.99
C ALA B 16 16.23 -4.46 11.52
N PRO B 17 16.27 -5.58 10.77
CA PRO B 17 16.65 -5.45 9.36
C PRO B 17 15.66 -4.67 8.55
N SER B 18 14.37 -4.70 8.91
CA SER B 18 13.39 -3.93 8.15
C SER B 18 13.55 -2.44 8.42
N VAL B 19 13.81 -2.05 9.67
CA VAL B 19 14.10 -0.65 9.94
C VAL B 19 15.35 -0.21 9.18
N ALA B 20 16.38 -1.04 9.18
CA ALA B 20 17.60 -0.68 8.45
C ALA B 20 17.30 -0.48 6.98
N PHE B 21 16.49 -1.36 6.38
CA PHE B 21 16.18 -1.27 4.96
C PHE B 21 15.44 0.01 4.64
N TYR B 22 14.35 0.29 5.36
CA TYR B 22 13.52 1.44 5.02
C TYR B 22 14.16 2.75 5.43
N GLN B 23 14.79 2.81 6.62
CA GLN B 23 15.40 4.05 7.06
C GLN B 23 16.76 4.29 6.39
N GLN B 24 17.68 3.34 6.55
CA GLN B 24 19.05 3.59 6.11
C GLN B 24 19.23 3.39 4.61
N LEU B 25 18.79 2.25 4.07
CA LEU B 25 18.97 2.03 2.63
C LEU B 25 18.05 2.92 1.82
N LEU B 26 16.76 2.95 2.14
N LEU B 26 16.77 2.96 2.16
CA LEU B 26 15.83 3.72 1.32
CA LEU B 26 15.82 3.71 1.34
C LEU B 26 15.76 5.19 1.69
C LEU B 26 15.65 5.15 1.76
N GLY B 27 16.26 5.58 2.87
CA GLY B 27 16.26 6.98 3.25
C GLY B 27 15.00 7.53 3.88
N MET B 28 14.08 6.68 4.32
CA MET B 28 12.86 7.17 4.96
C MET B 28 13.16 7.67 6.37
N THR B 29 12.29 8.55 6.87
CA THR B 29 12.47 9.14 8.19
C THR B 29 11.82 8.27 9.25
N LEU B 30 12.60 7.89 10.27
CA LEU B 30 12.10 7.11 11.39
C LEU B 30 11.58 8.04 12.48
N HIS B 31 10.28 7.94 12.78
CA HIS B 31 9.67 8.79 13.79
C HIS B 31 9.56 8.14 15.15
N ALA B 32 9.32 6.83 15.20
CA ALA B 32 9.17 6.15 16.47
C ALA B 32 9.37 4.66 16.25
N ARG B 33 9.77 3.98 17.31
CA ARG B 33 9.94 2.54 17.30
C ARG B 33 9.53 2.01 18.66
N TRP B 34 8.92 0.84 18.68
CA TRP B 34 8.53 0.17 19.92
C TRP B 34 8.90 -1.30 19.77
N ASP B 35 8.62 -2.09 20.79
CA ASP B 35 9.10 -3.47 20.78
C ASP B 35 8.57 -4.25 19.60
N SER B 36 7.41 -3.89 19.06
CA SER B 36 6.82 -4.67 17.98
C SER B 36 6.52 -3.84 16.73
N GLY B 37 7.16 -2.69 16.54
CA GLY B 37 6.96 -2.00 15.28
C GLY B 37 7.68 -0.67 15.20
N ALA B 38 7.42 0.02 14.09
CA ALA B 38 8.00 1.34 13.85
C ALA B 38 7.11 2.16 12.94
N TYR B 39 7.21 3.48 13.09
CA TYR B 39 6.56 4.43 12.20
C TYR B 39 7.62 5.23 11.45
N LEU B 40 7.51 5.26 10.11
CA LEU B 40 8.37 6.05 9.24
C LEU B 40 7.51 6.91 8.34
N SER B 41 8.13 7.93 7.76
CA SER B 41 7.50 8.69 6.70
C SER B 41 8.40 8.77 5.49
N CYS B 42 7.75 8.89 4.34
CA CYS B 42 8.41 9.04 3.05
C CYS B 42 7.57 10.05 2.29
N GLY B 43 8.00 11.31 2.24
CA GLY B 43 7.07 12.33 1.76
C GLY B 43 5.79 12.30 2.58
N ASP B 44 4.65 12.29 1.89
N ASP B 44 4.64 12.30 1.88
CA ASP B 44 3.35 12.22 2.54
CA ASP B 44 3.33 12.22 2.52
C ASP B 44 2.89 10.80 2.84
C ASP B 44 3.01 10.84 3.06
N LEU B 45 3.74 9.81 2.65
CA LEU B 45 3.43 8.45 3.08
C LEU B 45 3.78 8.20 4.54
N TRP B 46 2.80 7.71 5.29
CA TRP B 46 2.97 7.15 6.62
C TRP B 46 3.11 5.65 6.45
N LEU B 47 4.30 5.13 6.77
CA LEU B 47 4.60 3.72 6.72
C LEU B 47 4.70 3.16 8.13
N CYS B 48 4.04 2.05 8.38
N CYS B 48 4.03 2.05 8.37
CA CYS B 48 4.16 1.33 9.63
CA CYS B 48 4.15 1.30 9.62
C CYS B 48 4.79 -0.03 9.34
C CYS B 48 4.82 -0.03 9.31
N LEU B 49 5.86 -0.37 10.07
CA LEU B 49 6.41 -1.71 10.09
C LEU B 49 5.88 -2.40 11.33
N SER B 50 5.23 -3.55 11.15
CA SER B 50 4.61 -4.27 12.27
C SER B 50 5.23 -5.65 12.39
N LEU B 51 5.90 -5.90 13.52
CA LEU B 51 6.52 -7.20 13.75
C LEU B 51 5.42 -8.26 13.86
N ASP B 52 5.50 -9.29 13.03
CA ASP B 52 4.42 -10.26 12.95
C ASP B 52 5.01 -11.65 12.76
N PRO B 53 4.92 -12.54 13.76
N PRO B 53 4.90 -12.52 13.78
CA PRO B 53 5.50 -13.88 13.57
CA PRO B 53 5.32 -13.92 13.60
C PRO B 53 4.86 -14.65 12.42
C PRO B 53 4.60 -14.66 12.50
N GLN B 54 3.67 -14.25 11.98
N GLN B 54 3.51 -14.10 11.95
CA GLN B 54 3.03 -14.88 10.84
CA GLN B 54 2.84 -14.69 10.80
C GLN B 54 3.62 -14.43 9.51
C GLN B 54 3.63 -14.45 9.52
N ARG B 55 4.49 -13.44 9.48
CA ARG B 55 5.10 -13.06 8.22
C ARG B 55 6.13 -14.09 7.79
N ARG B 56 5.98 -14.59 6.57
N ARG B 56 5.96 -14.61 6.57
CA ARG B 56 6.94 -15.51 5.97
CA ARG B 56 6.93 -15.51 5.94
C ARG B 56 7.82 -14.75 4.99
C ARG B 56 7.83 -14.71 5.01
N VAL B 57 9.11 -15.07 4.99
CA VAL B 57 10.02 -14.53 3.98
C VAL B 57 9.65 -15.20 2.67
N THR B 58 9.04 -14.45 1.75
CA THR B 58 8.28 -15.05 0.67
C THR B 58 8.97 -14.84 -0.66
N PRO B 59 9.39 -15.90 -1.34
CA PRO B 59 9.97 -15.74 -2.66
C PRO B 59 8.97 -15.09 -3.61
N PRO B 60 9.45 -14.33 -4.59
CA PRO B 60 8.53 -13.60 -5.47
C PRO B 60 7.67 -14.48 -6.35
N GLU B 61 8.15 -15.68 -6.68
CA GLU B 61 7.34 -16.62 -7.44
C GLU B 61 6.16 -17.10 -6.63
N GLU B 62 6.18 -16.94 -5.31
CA GLU B 62 5.14 -17.46 -4.45
C GLU B 62 4.17 -16.40 -3.95
N SER B 63 4.31 -15.16 -4.38
CA SER B 63 3.36 -14.12 -4.04
C SER B 63 2.74 -13.58 -5.32
N ASP B 64 1.56 -12.98 -5.18
CA ASP B 64 0.88 -12.38 -6.30
C ASP B 64 1.49 -11.00 -6.61
N TYR B 65 0.88 -10.30 -7.57
CA TYR B 65 1.43 -9.08 -8.13
C TYR B 65 1.19 -7.84 -7.26
N THR B 66 0.53 -7.97 -6.12
CA THR B 66 0.33 -6.82 -5.23
C THR B 66 1.68 -6.17 -4.93
N HIS B 67 1.76 -4.85 -5.08
CA HIS B 67 3.05 -4.19 -4.90
C HIS B 67 2.88 -2.71 -4.58
N TYR B 68 3.97 -2.13 -4.07
CA TYR B 68 3.99 -0.78 -3.52
C TYR B 68 5.07 0.00 -4.24
N ALA B 69 4.68 1.05 -4.95
CA ALA B 69 5.61 1.86 -5.74
C ALA B 69 5.85 3.19 -5.06
N PHE B 70 7.13 3.58 -4.96
CA PHE B 70 7.54 4.86 -4.38
C PHE B 70 7.95 5.82 -5.50
N SER B 71 7.65 7.10 -5.31
CA SER B 71 8.01 8.11 -6.29
C SER B 71 9.46 8.53 -6.14
N ILE B 72 10.09 8.75 -7.29
CA ILE B 72 11.44 9.29 -7.38
C ILE B 72 11.51 10.11 -8.66
N SER B 73 12.37 11.13 -8.69
CA SER B 73 12.51 11.89 -9.92
C SER B 73 13.31 11.09 -10.96
N GLU B 74 13.08 11.43 -12.23
CA GLU B 74 13.88 10.82 -13.29
C GLU B 74 15.38 11.05 -13.04
N ALA B 75 15.74 12.25 -12.62
CA ALA B 75 17.16 12.58 -12.43
C ALA B 75 17.80 11.72 -11.34
N ASP B 76 17.04 11.30 -10.33
CA ASP B 76 17.60 10.52 -9.23
C ASP B 76 17.48 9.01 -9.42
N PHE B 77 16.70 8.56 -10.41
CA PHE B 77 16.34 7.16 -10.55
C PHE B 77 17.56 6.25 -10.67
N ALA B 78 18.46 6.56 -11.61
CA ALA B 78 19.54 5.61 -11.93
C ALA B 78 20.49 5.42 -10.74
N SER B 79 20.79 6.50 -10.02
N SER B 79 20.81 6.52 -10.05
CA SER B 79 21.71 6.34 -8.89
CA SER B 79 21.66 6.42 -8.88
C SER B 79 21.03 5.62 -7.73
C SER B 79 21.02 5.55 -7.82
N PHE B 80 19.72 5.75 -7.59
CA PHE B 80 19.04 5.01 -6.52
C PHE B 80 18.98 3.53 -6.87
N ALA B 81 18.67 3.21 -8.12
CA ALA B 81 18.72 1.82 -8.55
C ALA B 81 20.11 1.24 -8.33
N ALA B 82 21.15 2.01 -8.63
CA ALA B 82 22.52 1.50 -8.45
C ALA B 82 22.84 1.25 -6.99
N ARG B 83 22.30 2.09 -6.08
CA ARG B 83 22.45 1.89 -4.65
C ARG B 83 21.84 0.57 -4.21
N LEU B 84 20.61 0.31 -4.67
CA LEU B 84 19.96 -0.95 -4.36
C LEU B 84 20.76 -2.12 -4.90
N GLU B 85 21.29 -1.99 -6.12
N GLU B 85 21.29 -1.99 -6.12
CA GLU B 85 22.09 -3.07 -6.70
CA GLU B 85 22.09 -3.07 -6.69
C GLU B 85 23.37 -3.30 -5.90
C GLU B 85 23.37 -3.30 -5.89
N ALA B 86 24.04 -2.22 -5.47
CA ALA B 86 25.25 -2.37 -4.68
C ALA B 86 24.96 -3.10 -3.38
N ALA B 87 23.81 -2.83 -2.78
CA ALA B 87 23.38 -3.48 -1.55
C ALA B 87 22.90 -4.91 -1.78
N GLY B 88 22.86 -5.38 -3.01
CA GLY B 88 22.46 -6.76 -3.26
C GLY B 88 20.97 -6.99 -3.22
N VAL B 89 20.17 -5.94 -3.38
CA VAL B 89 18.73 -6.08 -3.29
C VAL B 89 18.22 -6.76 -4.56
N ALA B 90 17.41 -7.80 -4.39
CA ALA B 90 16.94 -8.56 -5.54
C ALA B 90 15.85 -7.80 -6.33
N VAL B 91 15.87 -8.03 -7.65
CA VAL B 91 14.87 -7.53 -8.59
C VAL B 91 13.89 -8.65 -8.90
N TRP B 92 12.60 -8.32 -8.97
CA TRP B 92 11.58 -9.32 -9.23
C TRP B 92 10.92 -9.20 -10.60
N LYS B 93 11.25 -8.20 -11.40
CA LYS B 93 10.61 -7.95 -12.69
C LYS B 93 11.47 -6.94 -13.44
N LEU B 94 11.51 -7.05 -14.78
CA LEU B 94 12.06 -5.98 -15.62
C LEU B 94 10.98 -5.02 -16.06
N ASN B 95 11.35 -3.75 -16.27
CA ASN B 95 10.40 -2.75 -16.76
C ASN B 95 10.08 -2.92 -18.24
N ARG B 96 8.78 -2.96 -18.55
CA ARG B 96 8.29 -2.98 -19.92
C ARG B 96 7.14 -2.01 -20.16
N SER B 97 6.90 -1.07 -19.24
N SER B 97 6.96 -1.01 -19.30
CA SER B 97 5.81 -0.10 -19.32
CA SER B 97 5.84 -0.08 -19.44
C SER B 97 6.38 1.31 -19.45
C SER B 97 6.35 1.34 -19.24
N GLU B 98 5.48 2.31 -19.52
CA GLU B 98 5.96 3.69 -19.67
C GLU B 98 6.38 4.23 -18.31
N GLY B 99 7.40 5.08 -18.35
CA GLY B 99 7.97 5.63 -17.14
C GLY B 99 8.99 4.68 -16.57
N ALA B 100 10.10 5.22 -16.11
CA ALA B 100 11.12 4.40 -15.50
C ALA B 100 10.54 3.66 -14.28
N SER B 101 10.90 2.38 -14.16
CA SER B 101 10.49 1.58 -13.01
C SER B 101 11.61 0.60 -12.68
N HIS B 102 11.87 0.44 -11.38
CA HIS B 102 12.82 -0.53 -10.83
C HIS B 102 12.04 -1.38 -9.83
N TYR B 103 11.99 -2.70 -10.04
CA TYR B 103 11.17 -3.60 -9.25
C TYR B 103 12.05 -4.40 -8.30
N PHE B 104 11.91 -4.17 -6.99
CA PHE B 104 12.84 -4.74 -6.02
C PHE B 104 12.08 -5.29 -4.82
N LEU B 105 12.77 -6.17 -4.07
CA LEU B 105 12.16 -6.86 -2.95
C LEU B 105 12.70 -6.36 -1.61
N ASP B 106 11.83 -6.27 -0.62
CA ASP B 106 12.24 -5.97 0.75
C ASP B 106 12.69 -7.25 1.43
N PRO B 107 13.22 -7.15 2.67
CA PRO B 107 13.80 -8.33 3.33
C PRO B 107 12.84 -9.49 3.51
N ASP B 108 11.53 -9.24 3.55
CA ASP B 108 10.53 -10.27 3.69
C ASP B 108 9.89 -10.67 2.38
N GLY B 109 10.36 -10.10 1.27
CA GLY B 109 9.77 -10.38 -0.01
C GLY B 109 8.62 -9.49 -0.38
N HIS B 110 8.34 -8.42 0.37
CA HIS B 110 7.34 -7.47 -0.10
C HIS B 110 7.80 -6.92 -1.44
N LYS B 111 6.88 -6.83 -2.40
CA LYS B 111 7.19 -6.36 -3.74
C LYS B 111 7.10 -4.84 -3.80
N LEU B 112 8.25 -4.20 -4.06
CA LEU B 112 8.40 -2.77 -4.13
C LEU B 112 8.77 -2.34 -5.55
N GLU B 113 8.63 -1.05 -5.80
CA GLU B 113 8.94 -0.46 -7.08
C GLU B 113 9.37 0.99 -6.87
N LEU B 114 10.37 1.44 -7.63
CA LEU B 114 10.61 2.86 -7.85
C LEU B 114 9.95 3.20 -9.17
N HIS B 115 9.13 4.24 -9.21
CA HIS B 115 8.51 4.67 -10.45
C HIS B 115 8.60 6.18 -10.62
N VAL B 116 8.85 6.58 -11.87
CA VAL B 116 8.82 7.97 -12.31
C VAL B 116 7.58 8.16 -13.16
N GLY B 117 6.67 9.00 -12.69
CA GLY B 117 5.50 9.34 -13.48
C GLY B 117 4.21 9.21 -12.70
N SER B 118 3.25 10.06 -13.03
CA SER B 118 1.97 10.16 -12.35
C SER B 118 0.89 9.33 -13.05
N LEU B 119 -0.27 9.25 -12.39
CA LEU B 119 -1.46 8.70 -13.04
C LEU B 119 -1.81 9.48 -14.30
N ALA B 120 -1.75 10.81 -14.25
CA ALA B 120 -2.06 11.61 -15.43
C ALA B 120 -1.15 11.24 -16.60
N GLN B 121 0.14 11.04 -16.33
CA GLN B 121 1.09 10.66 -17.38
C GLN B 121 0.72 9.31 -17.96
N ARG B 122 0.39 8.35 -17.08
CA ARG B 122 0.00 7.04 -17.55
C ARG B 122 -1.28 7.10 -18.38
N LEU B 123 -2.28 7.84 -17.94
CA LEU B 123 -3.53 7.93 -18.68
C LEU B 123 -3.30 8.56 -20.04
N ALA B 124 -2.43 9.57 -20.11
CA ALA B 124 -2.17 10.19 -21.41
C ALA B 124 -1.53 9.19 -22.37
N ALA B 125 -0.57 8.40 -21.87
CA ALA B 125 0.06 7.39 -22.71
C ALA B 125 -0.95 6.35 -23.15
N CYS B 126 -1.85 5.95 -22.25
CA CYS B 126 -2.86 4.96 -22.59
C CYS B 126 -3.87 5.49 -23.59
N ARG B 127 -4.22 6.77 -23.51
N ARG B 127 -4.22 6.77 -23.51
CA ARG B 127 -5.15 7.32 -24.50
CA ARG B 127 -5.14 7.32 -24.51
C ARG B 127 -4.56 7.25 -25.90
C ARG B 127 -4.55 7.19 -25.90
N GLU B 128 -3.25 7.43 -26.04
CA GLU B 128 -2.60 7.32 -27.34
C GLU B 128 -2.46 5.88 -27.80
N GLN B 129 -2.28 4.95 -26.86
CA GLN B 129 -2.03 3.53 -27.17
C GLN B 129 -2.78 2.68 -26.15
N PRO B 130 -4.09 2.54 -26.32
CA PRO B 130 -4.88 1.89 -25.26
C PRO B 130 -4.57 0.41 -25.14
N TYR B 131 -4.58 -0.06 -23.91
CA TYR B 131 -4.49 -1.49 -23.68
C TYR B 131 -5.71 -2.20 -24.25
N LYS B 132 -5.60 -3.53 -24.38
CA LYS B 132 -6.69 -4.31 -24.92
C LYS B 132 -7.94 -4.19 -24.06
N GLY B 133 -9.03 -3.81 -24.69
CA GLY B 133 -10.29 -3.62 -24.00
C GLY B 133 -10.40 -2.35 -23.19
N MET B 134 -9.54 -1.37 -23.41
CA MET B 134 -9.52 -0.20 -22.55
C MET B 134 -10.65 0.77 -22.84
N VAL B 135 -11.28 1.22 -21.76
N VAL B 135 -11.32 1.21 -21.79
CA VAL B 135 -12.34 2.21 -21.71
CA VAL B 135 -12.28 2.31 -21.89
C VAL B 135 -11.94 3.28 -20.70
C VAL B 135 -12.03 3.26 -20.73
N PHE B 136 -12.25 4.54 -21.01
CA PHE B 136 -11.95 5.66 -20.13
C PHE B 136 -13.25 6.23 -19.58
N PHE B 137 -13.16 6.85 -18.41
CA PHE B 137 -14.34 7.42 -17.74
C PHE B 137 -14.07 8.84 -17.30
#